data_1AF0
#
_entry.id   1AF0
#
_cell.length_a   151.000
_cell.length_b   109.200
_cell.length_c   42.600
_cell.angle_alpha   90.00
_cell.angle_beta   90.00
_cell.angle_gamma   90.00
#
_symmetry.space_group_name_H-M   'P 21 21 21'
#
loop_
_entity.id
_entity.type
_entity.pdbx_description
1 polymer 'SERRATIA PROTEASE'
2 non-polymer 'ZINC ION'
3 non-polymer 'CALCIUM ION'
4 non-polymer N-[(benzyloxy)carbonyl]-L-leucyl-N-hydroxy-L-alaninamide
5 water water
#
_entity_poly.entity_id   1
_entity_poly.type   'polypeptide(L)'
_entity_poly.pdbx_seq_one_letter_code
;AATTGYDAVDDLLHYHERGNGIQINGKDSFSNEQAGLFITRENQTWNGYKVFGQPVKLTFSFPDYKFSSTNVAGDTGLSK
FSAEQQQQAKLSLQSWADVANITFTEVAAGQKANITFGNYSQDRPGHYDYGTQAYAFLPNTIWQGQDLGGQTWYNVNQSN
VKHPATEDYGRQTFTHEIGHALGLSHPGDYNAGEGDPTYNDVTYAEDTRQFSLMSYWSETNTGGDNGGHYAAAPLLDDIA
AIQHLYGANLSTRTGDTVYGFNSNTGRDFLSTTSNSQKVIFAAWDAGGNDTFDFSGYTANQRINLNEKSFSDVGGLKGNV
SIAAGVTIENAIGGSGNDVIVGNAANNVLKGGAGNDVLFGGGGADELWGGAGKDIFVFSAASDSAPGASDWIRDFQKGID
KIDLSFFDKEANSSSFIHFVDHFSGTAGEALLSYNASSNVTDLSVNIGGHQAPDFLVKIVGQVDVATDFIV
;
_entity_poly.pdbx_strand_id   A
#
loop_
_chem_comp.id
_chem_comp.type
_chem_comp.name
_chem_comp.formula
0Z9 peptide-like N-[(benzyloxy)carbonyl]-L-leucyl-N-hydroxy-L-alaninamide 'C17 H25 N3 O5'
CA non-polymer 'CALCIUM ION' 'Ca 2'
ZN non-polymer 'ZINC ION' 'Zn 2'
#
# COMPACT_ATOMS: atom_id res chain seq x y z
N ALA A 2 30.02 -2.87 9.08
CA ALA A 2 29.42 -1.74 8.36
C ALA A 2 27.90 -1.63 8.56
N THR A 3 27.47 -1.00 9.64
CA THR A 3 26.03 -0.79 9.84
C THR A 3 25.72 0.68 9.58
N THR A 4 25.46 0.98 8.31
CA THR A 4 25.22 2.35 7.86
C THR A 4 23.77 2.67 7.51
N GLY A 5 23.58 3.97 7.27
CA GLY A 5 22.25 4.43 6.87
C GLY A 5 21.95 3.79 5.53
N TYR A 6 22.99 3.71 4.68
CA TYR A 6 22.76 3.12 3.38
C TYR A 6 22.26 1.68 3.47
N ASP A 7 22.78 0.91 4.43
CA ASP A 7 22.35 -0.48 4.56
C ASP A 7 20.84 -0.55 4.84
N ALA A 8 20.37 0.35 5.70
CA ALA A 8 18.95 0.36 6.04
C ALA A 8 18.11 0.69 4.82
N VAL A 9 18.64 1.62 4.02
CA VAL A 9 17.95 2.02 2.80
C VAL A 9 17.91 0.87 1.81
N ASP A 10 19.08 0.27 1.61
CA ASP A 10 19.20 -0.86 0.70
C ASP A 10 18.23 -1.97 1.10
N ASP A 11 18.12 -2.23 2.39
CA ASP A 11 17.20 -3.26 2.86
C ASP A 11 15.75 -2.96 2.50
N LEU A 12 15.33 -1.73 2.74
CA LEU A 12 13.94 -1.36 2.46
C LEU A 12 13.64 -1.39 0.97
N LEU A 13 14.62 -1.03 0.14
CA LEU A 13 14.41 -1.02 -1.31
C LEU A 13 14.21 -2.42 -1.87
N HIS A 14 14.76 -3.44 -1.21
CA HIS A 14 14.65 -4.81 -1.68
C HIS A 14 13.63 -5.61 -0.91
N TYR A 15 12.75 -4.94 -0.17
CA TYR A 15 11.71 -5.57 0.64
C TYR A 15 10.63 -6.15 -0.27
N HIS A 16 10.26 -7.41 -0.10
CA HIS A 16 9.23 -7.99 -0.94
C HIS A 16 9.48 -7.86 -2.42
N GLU A 17 10.69 -8.16 -2.89
CA GLU A 17 10.92 -8.12 -4.34
C GLU A 17 10.08 -9.24 -4.96
N ARG A 18 9.63 -9.09 -6.19
CA ARG A 18 8.83 -10.19 -6.75
C ARG A 18 9.02 -10.29 -8.26
N GLY A 19 8.47 -11.36 -8.82
CA GLY A 19 8.52 -11.62 -10.24
C GLY A 19 9.89 -11.99 -10.75
N ASN A 20 10.08 -11.72 -12.03
CA ASN A 20 11.29 -11.98 -12.80
C ASN A 20 11.94 -13.30 -12.38
N GLY A 21 11.20 -14.39 -12.45
CA GLY A 21 11.79 -15.66 -12.06
C GLY A 21 12.34 -15.73 -10.65
N ILE A 22 11.61 -15.24 -9.65
CA ILE A 22 12.05 -15.32 -8.26
C ILE A 22 11.27 -16.46 -7.62
N GLN A 23 11.71 -17.06 -6.52
CA GLN A 23 10.93 -18.13 -5.93
C GLN A 23 10.93 -18.00 -4.40
N ILE A 24 9.74 -17.93 -3.82
CA ILE A 24 9.58 -17.77 -2.38
C ILE A 24 8.75 -18.91 -1.82
N ASN A 25 9.12 -19.39 -0.63
CA ASN A 25 8.38 -20.48 -0.01
C ASN A 25 8.27 -21.67 -0.95
N GLY A 26 9.27 -21.86 -1.80
CA GLY A 26 9.24 -22.96 -2.75
C GLY A 26 8.17 -22.75 -3.80
N LYS A 27 7.71 -21.50 -3.96
CA LYS A 27 6.69 -21.23 -4.96
C LYS A 27 7.15 -20.11 -5.90
N ASP A 28 6.59 -20.10 -7.10
CA ASP A 28 6.91 -19.08 -8.09
C ASP A 28 6.39 -17.72 -7.60
N SER A 29 7.16 -16.66 -7.86
CA SER A 29 6.71 -15.33 -7.44
C SER A 29 6.09 -14.63 -8.65
N PHE A 30 4.94 -13.99 -8.47
CA PHE A 30 4.32 -13.29 -9.59
C PHE A 30 4.46 -11.79 -9.35
N SER A 31 4.58 -11.01 -10.42
CA SER A 31 4.64 -9.56 -10.25
C SER A 31 3.20 -9.08 -10.00
N ASN A 32 3.09 -7.80 -9.66
CA ASN A 32 1.77 -7.20 -9.43
C ASN A 32 0.85 -7.40 -10.64
N GLU A 33 1.38 -7.20 -11.83
CA GLU A 33 0.65 -7.33 -13.09
C GLU A 33 0.16 -8.76 -13.32
N GLN A 34 1.04 -9.71 -13.13
CA GLN A 34 0.75 -11.13 -13.27
C GLN A 34 -0.35 -11.58 -12.31
N ALA A 35 -0.20 -11.15 -11.05
CA ALA A 35 -1.15 -11.50 -10.00
C ALA A 35 -2.54 -10.98 -10.38
N GLY A 36 -2.61 -9.74 -10.86
CA GLY A 36 -3.89 -9.16 -11.25
C GLY A 36 -4.54 -9.98 -12.34
N LEU A 37 -3.71 -10.47 -13.26
CA LEU A 37 -4.26 -11.27 -14.35
C LEU A 37 -4.68 -12.66 -13.88
N PHE A 38 -3.92 -13.25 -12.98
CA PHE A 38 -4.32 -14.58 -12.51
C PHE A 38 -5.59 -14.53 -11.68
N ILE A 39 -5.78 -13.44 -10.94
CA ILE A 39 -6.96 -13.29 -10.11
C ILE A 39 -8.23 -13.12 -10.93
N THR A 40 -8.06 -12.68 -12.18
CA THR A 40 -9.23 -12.48 -13.04
C THR A 40 -9.24 -13.55 -14.14
N ARG A 41 -8.60 -14.68 -13.84
CA ARG A 41 -8.49 -15.76 -14.81
C ARG A 41 -9.80 -16.33 -15.32
N GLU A 42 -10.94 -16.07 -14.70
CA GLU A 42 -12.18 -16.65 -15.25
C GLU A 42 -12.66 -15.82 -16.43
N ASN A 43 -12.07 -14.65 -16.62
CA ASN A 43 -12.42 -13.75 -17.71
C ASN A 43 -13.86 -13.31 -17.77
N GLN A 44 -14.56 -13.33 -16.63
CA GLN A 44 -15.94 -12.89 -16.65
C GLN A 44 -16.08 -11.45 -16.16
N THR A 45 -16.78 -10.61 -16.93
CA THR A 45 -16.97 -9.25 -16.44
C THR A 45 -18.42 -8.85 -16.67
N TRP A 46 -18.92 -7.82 -16.00
CA TRP A 46 -20.28 -7.37 -16.24
C TRP A 46 -20.44 -6.77 -17.62
N ASN A 47 -19.35 -6.55 -18.35
CA ASN A 47 -19.44 -5.97 -19.69
C ASN A 47 -19.42 -7.10 -20.72
N GLY A 48 -19.22 -8.32 -20.23
CA GLY A 48 -19.15 -9.46 -21.12
C GLY A 48 -17.89 -10.28 -20.91
N TYR A 49 -17.93 -11.48 -21.48
CA TYR A 49 -16.82 -12.40 -21.39
C TYR A 49 -15.61 -11.88 -22.13
N LYS A 50 -14.48 -11.80 -21.44
CA LYS A 50 -13.26 -11.30 -22.03
C LYS A 50 -13.38 -9.87 -22.51
N VAL A 51 -14.28 -9.07 -21.96
CA VAL A 51 -14.38 -7.65 -22.32
C VAL A 51 -13.70 -6.90 -21.17
N PHE A 52 -12.46 -6.47 -21.40
CA PHE A 52 -11.65 -5.81 -20.39
C PHE A 52 -11.41 -4.32 -20.61
N GLY A 53 -11.14 -3.61 -19.52
CA GLY A 53 -10.84 -2.21 -19.54
C GLY A 53 -11.96 -1.24 -19.73
N GLN A 54 -13.20 -1.70 -19.75
CA GLN A 54 -14.29 -0.77 -19.94
C GLN A 54 -15.02 -0.45 -18.64
N PRO A 55 -15.47 0.79 -18.57
CA PRO A 55 -16.21 1.24 -17.38
C PRO A 55 -17.54 0.51 -17.29
N VAL A 56 -18.13 0.51 -16.11
CA VAL A 56 -19.39 -0.17 -15.88
C VAL A 56 -20.22 0.60 -14.85
N LYS A 57 -21.54 0.50 -15.02
CA LYS A 57 -22.53 1.13 -14.15
C LYS A 57 -23.39 -0.02 -13.62
N LEU A 58 -23.41 -0.14 -12.31
CA LEU A 58 -24.13 -1.20 -11.65
C LEU A 58 -25.09 -0.68 -10.60
N THR A 59 -26.18 -1.42 -10.43
CA THR A 59 -27.15 -1.05 -9.41
C THR A 59 -27.00 -2.10 -8.29
N PHE A 60 -27.36 -1.73 -7.07
CA PHE A 60 -27.30 -2.69 -5.98
C PHE A 60 -28.51 -2.44 -5.07
N SER A 61 -28.87 -3.44 -4.27
CA SER A 61 -29.98 -3.23 -3.35
C SER A 61 -29.89 -4.23 -2.19
N PHE A 62 -30.78 -4.03 -1.23
CA PHE A 62 -30.85 -4.89 -0.05
C PHE A 62 -32.29 -5.41 0.00
N PRO A 63 -32.55 -6.50 -0.71
CA PRO A 63 -33.92 -7.04 -0.78
C PRO A 63 -34.46 -7.46 0.57
N ASP A 64 -35.79 -7.44 0.69
CA ASP A 64 -36.51 -7.84 1.88
C ASP A 64 -36.80 -9.34 1.84
N TYR A 65 -35.82 -10.16 2.16
CA TYR A 65 -35.97 -11.61 2.11
C TYR A 65 -36.86 -12.18 3.19
N LYS A 66 -37.59 -13.23 2.82
CA LYS A 66 -38.49 -13.91 3.76
C LYS A 66 -37.75 -15.07 4.43
N PHE A 67 -37.82 -15.10 5.76
CA PHE A 67 -37.17 -16.08 6.60
C PHE A 67 -37.31 -17.51 6.09
N SER A 68 -38.53 -17.88 5.78
CA SER A 68 -38.91 -19.19 5.31
C SER A 68 -38.55 -19.43 3.86
N SER A 69 -38.06 -18.40 3.18
CA SER A 69 -37.69 -18.64 1.78
C SER A 69 -36.38 -19.41 1.74
N THR A 70 -36.12 -20.01 0.58
CA THR A 70 -34.91 -20.76 0.30
C THR A 70 -34.19 -20.11 -0.87
N ASN A 71 -32.88 -19.94 -0.78
CA ASN A 71 -32.18 -19.29 -1.90
C ASN A 71 -31.64 -20.34 -2.86
N VAL A 72 -31.18 -19.88 -4.02
CA VAL A 72 -30.63 -20.76 -5.04
C VAL A 72 -29.60 -21.72 -4.49
N ALA A 73 -28.89 -21.38 -3.41
CA ALA A 73 -27.92 -22.40 -2.97
C ALA A 73 -28.57 -23.35 -1.97
N GLY A 74 -29.85 -23.15 -1.65
CA GLY A 74 -30.49 -24.05 -0.72
C GLY A 74 -30.47 -23.59 0.73
N ASP A 75 -29.89 -22.42 1.01
CA ASP A 75 -29.89 -21.96 2.40
C ASP A 75 -31.21 -21.27 2.68
N THR A 76 -31.58 -21.23 3.96
CA THR A 76 -32.84 -20.60 4.32
C THR A 76 -32.69 -19.79 5.60
N GLY A 77 -33.78 -19.35 6.23
CA GLY A 77 -33.66 -18.53 7.43
C GLY A 77 -33.05 -17.18 6.99
N LEU A 78 -33.59 -16.68 5.88
CA LEU A 78 -33.16 -15.46 5.23
C LEU A 78 -33.65 -14.18 5.88
N SER A 79 -32.85 -13.13 5.73
CA SER A 79 -33.18 -11.82 6.25
C SER A 79 -32.44 -10.70 5.51
N LYS A 80 -33.06 -9.53 5.59
CA LYS A 80 -32.56 -8.30 5.00
C LYS A 80 -31.36 -7.82 5.80
N PHE A 81 -30.43 -7.12 5.16
CA PHE A 81 -29.26 -6.60 5.89
C PHE A 81 -29.74 -5.56 6.88
N SER A 82 -29.13 -5.46 8.06
CA SER A 82 -29.56 -4.43 9.00
C SER A 82 -28.94 -3.09 8.57
N ALA A 83 -29.27 -2.04 9.30
CA ALA A 83 -28.71 -0.72 9.00
C ALA A 83 -27.19 -0.70 9.14
N GLU A 84 -26.63 -1.36 10.14
CA GLU A 84 -25.18 -1.41 10.31
C GLU A 84 -24.54 -2.19 9.16
N GLN A 85 -25.20 -3.25 8.70
CA GLN A 85 -24.66 -4.03 7.59
C GLN A 85 -24.71 -3.24 6.29
N GLN A 86 -25.82 -2.54 6.08
CA GLN A 86 -25.95 -1.74 4.85
C GLN A 86 -24.87 -0.67 4.78
N GLN A 87 -24.67 0.00 5.92
CA GLN A 87 -23.69 1.07 6.00
C GLN A 87 -22.29 0.56 5.68
N GLN A 88 -21.89 -0.56 6.27
CA GLN A 88 -20.57 -1.11 5.97
C GLN A 88 -20.50 -1.64 4.55
N ALA A 89 -21.58 -2.20 4.02
CA ALA A 89 -21.56 -2.71 2.65
C ALA A 89 -21.34 -1.54 1.68
N LYS A 90 -21.98 -0.41 2.01
CA LYS A 90 -21.78 0.73 1.11
C LYS A 90 -20.35 1.23 1.15
N LEU A 91 -19.67 1.14 2.29
CA LEU A 91 -18.28 1.57 2.40
C LEU A 91 -17.40 0.64 1.59
N SER A 92 -17.78 -0.65 1.60
CA SER A 92 -17.01 -1.62 0.83
C SER A 92 -17.23 -1.37 -0.65
N LEU A 93 -18.44 -1.08 -1.08
CA LEU A 93 -18.68 -0.79 -2.52
C LEU A 93 -17.84 0.41 -2.97
N GLN A 94 -17.93 1.50 -2.22
CA GLN A 94 -17.17 2.72 -2.54
C GLN A 94 -15.68 2.43 -2.63
N SER A 95 -15.16 1.55 -1.78
CA SER A 95 -13.73 1.28 -1.85
C SER A 95 -13.36 0.62 -3.17
N TRP A 96 -14.29 -0.07 -3.83
CA TRP A 96 -13.93 -0.66 -5.12
C TRP A 96 -14.09 0.42 -6.20
N ALA A 97 -15.12 1.25 -6.03
CA ALA A 97 -15.35 2.31 -7.03
C ALA A 97 -14.24 3.36 -7.00
N ASP A 98 -13.56 3.49 -5.86
CA ASP A 98 -12.47 4.47 -5.79
C ASP A 98 -11.34 4.09 -6.75
N VAL A 99 -11.08 2.80 -6.95
CA VAL A 99 -9.94 2.40 -7.75
C VAL A 99 -10.22 2.03 -9.20
N ALA A 100 -11.45 1.71 -9.56
CA ALA A 100 -11.74 1.32 -10.94
C ALA A 100 -12.97 2.08 -11.45
N ASN A 101 -13.17 2.10 -12.77
CA ASN A 101 -14.31 2.83 -13.31
C ASN A 101 -15.62 2.09 -13.17
N ILE A 102 -16.10 2.07 -11.94
CA ILE A 102 -17.34 1.43 -11.57
C ILE A 102 -18.23 2.43 -10.85
N THR A 103 -19.46 2.56 -11.31
CA THR A 103 -20.40 3.47 -10.68
C THR A 103 -21.47 2.60 -10.02
N PHE A 104 -21.71 2.79 -8.73
CA PHE A 104 -22.72 1.99 -8.04
C PHE A 104 -23.93 2.85 -7.74
N THR A 105 -25.12 2.34 -8.02
CA THR A 105 -26.32 3.11 -7.71
C THR A 105 -27.33 2.22 -6.98
N GLU A 106 -27.78 2.66 -5.82
CA GLU A 106 -28.73 1.88 -5.06
C GLU A 106 -30.16 1.98 -5.61
N VAL A 107 -30.85 0.83 -5.67
CA VAL A 107 -32.23 0.82 -6.11
C VAL A 107 -33.12 0.25 -5.00
N ALA A 108 -34.41 0.47 -5.07
CA ALA A 108 -35.36 -0.03 -4.08
C ALA A 108 -35.31 -1.54 -3.96
N ALA A 109 -35.62 -2.04 -2.76
CA ALA A 109 -35.58 -3.48 -2.53
C ALA A 109 -36.35 -4.30 -3.54
N GLY A 110 -37.46 -3.78 -4.07
CA GLY A 110 -38.25 -4.54 -5.02
C GLY A 110 -37.75 -4.54 -6.44
N GLN A 111 -36.94 -3.53 -6.79
CA GLN A 111 -36.42 -3.42 -8.14
C GLN A 111 -35.33 -4.44 -8.45
N LYS A 112 -35.21 -4.78 -9.73
CA LYS A 112 -34.17 -5.72 -10.11
C LYS A 112 -32.81 -5.03 -9.94
N ALA A 113 -31.85 -5.71 -9.34
CA ALA A 113 -30.54 -5.09 -9.12
C ALA A 113 -29.41 -5.97 -9.61
N ASN A 114 -28.27 -5.38 -9.93
CA ASN A 114 -27.16 -6.19 -10.41
C ASN A 114 -26.49 -6.92 -9.24
N ILE A 115 -26.29 -6.17 -8.16
CA ILE A 115 -25.63 -6.76 -6.99
C ILE A 115 -26.56 -6.73 -5.80
N THR A 116 -26.74 -7.88 -5.16
CA THR A 116 -27.62 -7.91 -3.99
C THR A 116 -26.88 -8.48 -2.78
N PHE A 117 -27.38 -8.11 -1.60
CA PHE A 117 -26.85 -8.50 -0.32
C PHE A 117 -27.98 -9.15 0.50
N GLY A 118 -27.73 -10.32 1.07
CA GLY A 118 -28.76 -10.92 1.91
C GLY A 118 -28.16 -11.79 3.00
N ASN A 119 -28.86 -11.97 4.11
CA ASN A 119 -28.38 -12.81 5.20
C ASN A 119 -29.09 -14.17 5.12
N TYR A 120 -28.44 -15.21 5.58
CA TYR A 120 -28.96 -16.56 5.70
C TYR A 120 -28.53 -17.06 7.09
N SER A 121 -29.26 -18.02 7.65
CA SER A 121 -28.91 -18.53 8.97
C SER A 121 -29.08 -20.03 9.10
N GLN A 122 -29.74 -20.66 8.13
CA GLN A 122 -29.97 -22.10 8.21
C GLN A 122 -29.58 -22.84 6.94
N ASP A 123 -28.97 -24.02 7.08
CA ASP A 123 -28.59 -24.80 5.91
C ASP A 123 -29.74 -25.70 5.48
N ARG A 124 -30.73 -25.87 6.34
CA ARG A 124 -31.95 -26.64 6.10
C ARG A 124 -33.01 -26.10 7.06
N PRO A 125 -34.28 -26.21 6.77
CA PRO A 125 -35.29 -25.63 7.66
C PRO A 125 -35.16 -26.12 9.09
N GLY A 126 -35.17 -25.16 10.01
CA GLY A 126 -35.05 -25.39 11.43
C GLY A 126 -33.68 -25.81 11.91
N HIS A 127 -32.66 -25.67 11.08
CA HIS A 127 -31.31 -26.06 11.48
C HIS A 127 -30.29 -24.96 11.23
N TYR A 128 -29.85 -24.31 12.30
CA TYR A 128 -28.89 -23.21 12.20
C TYR A 128 -27.51 -23.64 11.78
N ASP A 129 -26.92 -22.84 10.88
CA ASP A 129 -25.59 -23.14 10.36
C ASP A 129 -24.54 -22.26 11.04
N TYR A 130 -23.60 -22.86 11.74
CA TYR A 130 -22.53 -22.13 12.42
C TYR A 130 -21.19 -22.42 11.75
N GLY A 131 -21.22 -23.09 10.60
CA GLY A 131 -19.98 -23.46 9.96
C GLY A 131 -19.59 -22.69 8.73
N THR A 132 -20.48 -21.97 8.06
CA THR A 132 -20.08 -21.23 6.86
C THR A 132 -19.98 -19.73 7.12
N GLN A 133 -19.38 -19.02 6.15
CA GLN A 133 -19.19 -17.59 6.33
C GLN A 133 -19.95 -16.76 5.31
N ALA A 134 -19.67 -16.94 4.01
CA ALA A 134 -20.36 -16.16 3.00
C ALA A 134 -20.03 -16.71 1.62
N TYR A 135 -20.81 -16.30 0.61
CA TYR A 135 -20.53 -16.75 -0.75
C TYR A 135 -21.14 -15.78 -1.76
N ALA A 136 -20.72 -15.93 -3.00
CA ALA A 136 -21.21 -15.03 -4.04
C ALA A 136 -21.01 -15.67 -5.42
N PHE A 137 -21.70 -15.14 -6.42
CA PHE A 137 -21.63 -15.64 -7.78
C PHE A 137 -21.01 -14.61 -8.73
N LEU A 138 -20.05 -15.07 -9.51
CA LEU A 138 -19.39 -14.20 -10.48
C LEU A 138 -20.40 -13.78 -11.54
N PRO A 139 -20.10 -12.69 -12.25
CA PRO A 139 -21.00 -12.23 -13.31
C PRO A 139 -21.19 -13.34 -14.36
N ASN A 140 -22.35 -13.34 -14.99
CA ASN A 140 -22.66 -14.32 -16.03
C ASN A 140 -22.65 -15.75 -15.51
N THR A 141 -23.10 -15.95 -14.28
CA THR A 141 -23.19 -17.34 -13.80
C THR A 141 -24.63 -17.74 -14.11
N ILE A 142 -24.81 -18.63 -15.06
CA ILE A 142 -26.17 -19.01 -15.46
C ILE A 142 -26.56 -20.41 -15.00
N TRP A 143 -27.79 -20.50 -14.52
CA TRP A 143 -28.38 -21.75 -14.08
C TRP A 143 -29.86 -21.76 -14.45
N GLN A 144 -30.21 -22.64 -15.39
CA GLN A 144 -31.59 -22.74 -15.84
C GLN A 144 -32.10 -21.44 -16.46
N GLY A 145 -31.27 -20.82 -17.30
CA GLY A 145 -31.66 -19.59 -17.95
C GLY A 145 -31.69 -18.38 -17.05
N GLN A 146 -31.36 -18.54 -15.78
CA GLN A 146 -31.35 -17.43 -14.83
C GLN A 146 -29.91 -16.99 -14.54
N ASP A 147 -29.71 -15.67 -14.49
CA ASP A 147 -28.40 -15.11 -14.19
C ASP A 147 -28.27 -14.91 -12.68
N LEU A 148 -27.41 -15.68 -12.05
CA LEU A 148 -27.15 -15.64 -10.61
C LEU A 148 -26.08 -14.62 -10.24
N GLY A 149 -25.33 -14.13 -11.22
CA GLY A 149 -24.25 -13.18 -10.97
C GLY A 149 -24.63 -12.00 -10.13
N GLY A 150 -23.76 -11.56 -9.21
CA GLY A 150 -24.07 -10.40 -8.40
C GLY A 150 -24.70 -10.69 -7.07
N GLN A 151 -25.26 -11.87 -6.85
CA GLN A 151 -25.87 -12.13 -5.53
C GLN A 151 -24.78 -12.42 -4.50
N THR A 152 -24.88 -11.84 -3.32
CA THR A 152 -23.90 -12.12 -2.26
C THR A 152 -24.74 -12.49 -1.02
N TRP A 153 -24.32 -13.52 -0.33
CA TRP A 153 -24.98 -14.13 0.82
C TRP A 153 -24.03 -14.29 1.99
N TYR A 154 -24.51 -13.95 3.18
CA TYR A 154 -23.69 -13.96 4.37
C TYR A 154 -24.37 -14.67 5.55
N ASN A 155 -23.60 -15.45 6.29
CA ASN A 155 -24.10 -16.18 7.46
C ASN A 155 -24.19 -15.25 8.67
N VAL A 156 -25.38 -14.75 8.94
CA VAL A 156 -25.65 -13.81 10.01
C VAL A 156 -25.49 -14.43 11.39
N ASN A 157 -25.23 -15.74 11.45
CA ASN A 157 -24.98 -16.32 12.77
C ASN A 157 -23.53 -15.96 13.17
N GLN A 158 -22.71 -15.52 12.22
CA GLN A 158 -21.32 -15.18 12.57
C GLN A 158 -21.30 -13.76 13.12
N SER A 159 -20.70 -13.55 14.31
CA SER A 159 -20.74 -12.19 14.83
C SER A 159 -20.12 -11.17 13.90
N ASN A 160 -19.03 -11.53 13.22
CA ASN A 160 -18.41 -10.54 12.33
C ASN A 160 -19.32 -10.11 11.20
N VAL A 161 -20.18 -11.01 10.74
CA VAL A 161 -21.12 -10.65 9.68
C VAL A 161 -22.22 -9.74 10.20
N LYS A 162 -22.67 -10.01 11.43
CA LYS A 162 -23.73 -9.22 12.03
C LYS A 162 -23.32 -7.81 12.44
N HIS A 163 -22.08 -7.68 12.88
CA HIS A 163 -21.55 -6.40 13.34
C HIS A 163 -20.26 -6.05 12.61
N PRO A 164 -20.34 -5.81 11.31
CA PRO A 164 -19.15 -5.51 10.50
C PRO A 164 -18.50 -4.18 10.88
N ALA A 165 -19.25 -3.32 11.57
CA ALA A 165 -18.67 -2.04 11.98
C ALA A 165 -17.67 -2.18 13.12
N THR A 166 -17.74 -3.27 13.90
CA THR A 166 -16.78 -3.40 14.99
C THR A 166 -15.86 -4.59 14.81
N GLU A 167 -16.23 -5.51 13.92
CA GLU A 167 -15.35 -6.67 13.71
C GLU A 167 -14.79 -6.54 12.31
N ASP A 168 -13.50 -6.23 12.22
CA ASP A 168 -12.93 -5.98 10.89
C ASP A 168 -12.98 -7.16 9.96
N TYR A 169 -13.04 -8.39 10.47
CA TYR A 169 -13.14 -9.51 9.52
C TYR A 169 -14.45 -9.40 8.76
N GLY A 170 -15.47 -8.84 9.40
CA GLY A 170 -16.78 -8.65 8.80
C GLY A 170 -16.73 -7.72 7.59
N ARG A 171 -16.12 -6.56 7.78
CA ARG A 171 -15.98 -5.59 6.69
C ARG A 171 -15.15 -6.17 5.55
N GLN A 172 -14.09 -6.92 5.87
CA GLN A 172 -13.27 -7.56 4.85
C GLN A 172 -14.08 -8.58 4.04
N THR A 173 -14.94 -9.31 4.75
CA THR A 173 -15.78 -10.32 4.08
C THR A 173 -16.68 -9.63 3.07
N PHE A 174 -17.25 -8.48 3.41
CA PHE A 174 -18.10 -7.76 2.47
C PHE A 174 -17.31 -7.36 1.22
N THR A 175 -16.10 -6.83 1.44
CA THR A 175 -15.24 -6.42 0.33
C THR A 175 -14.89 -7.60 -0.57
N HIS A 176 -14.56 -8.72 0.06
CA HIS A 176 -14.21 -9.95 -0.65
C HIS A 176 -15.38 -10.43 -1.48
N GLU A 177 -16.57 -10.56 -0.89
CA GLU A 177 -17.70 -11.07 -1.66
C GLU A 177 -18.04 -10.15 -2.81
N ILE A 178 -17.94 -8.84 -2.57
CA ILE A 178 -18.22 -7.90 -3.65
C ILE A 178 -17.22 -8.13 -4.77
N GLY A 179 -15.98 -8.42 -4.37
CA GLY A 179 -14.93 -8.71 -5.35
C GLY A 179 -15.37 -9.84 -6.27
N HIS A 180 -15.94 -10.89 -5.69
CA HIS A 180 -16.40 -12.02 -6.51
C HIS A 180 -17.51 -11.53 -7.44
N ALA A 181 -18.43 -10.76 -6.88
CA ALA A 181 -19.58 -10.23 -7.62
C ALA A 181 -19.14 -9.33 -8.77
N LEU A 182 -17.92 -8.81 -8.72
CA LEU A 182 -17.43 -7.96 -9.79
C LEU A 182 -16.62 -8.75 -10.80
N GLY A 183 -16.27 -9.99 -10.48
CA GLY A 183 -15.50 -10.81 -11.40
C GLY A 183 -14.20 -11.34 -10.88
N LEU A 184 -13.84 -11.12 -9.61
CA LEU A 184 -12.56 -11.67 -9.19
C LEU A 184 -12.69 -13.05 -8.53
N SER A 185 -11.72 -13.92 -8.79
CA SER A 185 -11.74 -15.22 -8.12
C SER A 185 -10.76 -15.20 -6.95
N HIS A 186 -10.52 -16.32 -6.28
CA HIS A 186 -9.46 -16.30 -5.27
C HIS A 186 -8.16 -16.36 -6.09
N PRO A 187 -7.01 -15.99 -5.56
CA PRO A 187 -5.77 -16.01 -6.33
C PRO A 187 -5.28 -17.42 -6.66
N GLY A 188 -5.96 -18.43 -6.11
CA GLY A 188 -5.54 -19.80 -6.38
C GLY A 188 -6.76 -20.70 -6.47
N ASP A 189 -6.59 -21.92 -6.98
CA ASP A 189 -7.78 -22.77 -7.06
C ASP A 189 -7.99 -23.56 -5.79
N TYR A 190 -8.89 -22.98 -5.00
CA TYR A 190 -9.36 -23.44 -3.72
C TYR A 190 -10.65 -22.67 -3.40
N ASN A 191 -11.48 -23.24 -2.55
CA ASN A 191 -12.76 -22.70 -2.11
C ASN A 191 -13.20 -23.41 -0.84
N ALA A 192 -13.81 -22.70 0.09
CA ALA A 192 -14.26 -23.33 1.33
C ALA A 192 -15.28 -24.43 1.04
N GLY A 193 -15.23 -25.49 1.83
CA GLY A 193 -16.14 -26.63 1.69
C GLY A 193 -15.74 -27.51 0.52
N GLU A 194 -14.45 -27.47 0.19
CA GLU A 194 -13.93 -28.26 -0.92
C GLU A 194 -12.51 -28.72 -0.63
N GLY A 195 -12.40 -29.87 0.04
CA GLY A 195 -11.14 -30.48 0.40
C GLY A 195 -10.48 -29.88 1.63
N ASP A 196 -9.16 -29.92 1.63
CA ASP A 196 -8.35 -29.40 2.74
C ASP A 196 -7.23 -28.51 2.21
N PRO A 197 -7.57 -27.34 1.68
CA PRO A 197 -6.52 -26.46 1.15
C PRO A 197 -5.81 -25.70 2.25
N THR A 198 -4.55 -25.38 1.99
CA THR A 198 -3.72 -24.60 2.89
C THR A 198 -2.80 -23.73 2.03
N TYR A 199 -2.04 -22.83 2.64
CA TYR A 199 -1.13 -21.99 1.88
C TYR A 199 -0.22 -22.80 0.98
N ASN A 200 0.10 -24.03 1.38
CA ASN A 200 0.96 -24.87 0.55
C ASN A 200 0.32 -25.17 -0.79
N ASP A 201 -0.99 -24.98 -0.91
CA ASP A 201 -1.68 -25.23 -2.17
C ASP A 201 -1.74 -24.03 -3.08
N VAL A 202 -1.03 -22.94 -2.78
CA VAL A 202 -1.13 -21.78 -3.66
C VAL A 202 -0.41 -21.95 -5.00
N THR A 203 -0.79 -21.13 -5.97
CA THR A 203 -0.15 -21.16 -7.27
C THR A 203 1.07 -20.23 -7.28
N TYR A 204 0.95 -19.10 -6.57
CA TYR A 204 2.09 -18.19 -6.55
C TYR A 204 2.30 -17.72 -5.11
N ALA A 205 3.54 -17.41 -4.79
CA ALA A 205 3.91 -17.03 -3.43
C ALA A 205 3.07 -15.91 -2.86
N GLU A 206 2.80 -14.88 -3.65
CA GLU A 206 2.07 -13.73 -3.13
C GLU A 206 0.60 -13.93 -2.89
N ASP A 207 0.16 -15.20 -2.88
CA ASP A 207 -1.25 -15.40 -2.59
C ASP A 207 -1.43 -15.43 -1.07
N THR A 208 -1.51 -14.26 -0.45
CA THR A 208 -1.73 -14.03 0.95
C THR A 208 -2.48 -12.70 1.13
N ARG A 209 -3.04 -12.53 2.32
CA ARG A 209 -3.78 -11.34 2.70
C ARG A 209 -2.92 -10.09 2.80
N GLN A 210 -1.62 -10.21 2.56
CA GLN A 210 -0.74 -9.05 2.57
C GLN A 210 -0.88 -8.36 1.20
N PHE A 211 -1.15 -9.17 0.18
CA PHE A 211 -1.27 -8.70 -1.19
C PHE A 211 -2.69 -8.65 -1.73
N SER A 212 -3.60 -9.48 -1.22
CA SER A 212 -4.94 -9.48 -1.80
C SER A 212 -5.97 -9.89 -0.75
N LEU A 213 -7.10 -9.21 -0.66
CA LEU A 213 -8.05 -9.70 0.35
C LEU A 213 -8.94 -10.78 -0.27
N MET A 214 -8.61 -11.21 -1.49
CA MET A 214 -9.37 -12.29 -2.13
C MET A 214 -8.75 -13.60 -1.65
N SER A 215 -7.54 -13.46 -1.07
CA SER A 215 -6.81 -14.63 -0.58
C SER A 215 -7.41 -15.13 0.73
N TYR A 216 -7.15 -16.40 1.04
CA TYR A 216 -7.63 -16.94 2.31
C TYR A 216 -6.47 -16.98 3.31
N TRP A 217 -5.24 -16.94 2.82
CA TRP A 217 -4.06 -17.11 3.66
C TRP A 217 -3.50 -15.92 4.42
N SER A 218 -3.02 -16.23 5.62
CA SER A 218 -2.45 -15.21 6.49
C SER A 218 -1.28 -14.46 5.88
N GLU A 219 -1.23 -13.15 6.15
CA GLU A 219 -0.15 -12.30 5.64
C GLU A 219 1.20 -12.76 6.17
N THR A 220 1.19 -13.47 7.30
CA THR A 220 2.45 -13.94 7.86
C THR A 220 3.14 -14.92 6.95
N ASN A 221 2.38 -15.54 6.02
CA ASN A 221 3.05 -16.48 5.11
C ASN A 221 4.07 -15.76 4.25
N THR A 222 3.85 -14.46 4.00
CA THR A 222 4.87 -13.79 3.17
C THR A 222 5.71 -12.84 4.03
N GLY A 223 5.64 -12.96 5.35
CA GLY A 223 6.43 -12.04 6.15
C GLY A 223 5.70 -10.80 6.60
N GLY A 224 4.40 -10.66 6.35
CA GLY A 224 3.71 -9.46 6.80
C GLY A 224 3.20 -9.72 8.22
N ASP A 225 2.63 -8.70 8.84
CA ASP A 225 2.06 -8.86 10.19
C ASP A 225 1.10 -7.71 10.43
N ASN A 226 -0.19 -8.00 10.34
CA ASN A 226 -1.22 -7.00 10.53
C ASN A 226 -1.72 -6.92 11.95
N GLY A 227 -0.94 -7.45 12.90
CA GLY A 227 -1.29 -7.37 14.31
C GLY A 227 -2.69 -7.82 14.63
N GLY A 228 -3.16 -8.90 13.98
CA GLY A 228 -4.49 -9.40 14.25
C GLY A 228 -5.60 -8.62 13.59
N HIS A 229 -5.28 -7.66 12.72
CA HIS A 229 -6.36 -6.92 12.05
C HIS A 229 -6.52 -7.43 10.62
N TYR A 230 -7.57 -6.97 9.96
CA TYR A 230 -7.86 -7.33 8.59
C TYR A 230 -8.08 -6.09 7.73
N ALA A 231 -7.48 -6.08 6.55
CA ALA A 231 -7.66 -4.95 5.62
C ALA A 231 -9.12 -4.83 5.23
N ALA A 232 -9.63 -3.61 5.21
CA ALA A 232 -11.01 -3.40 4.81
C ALA A 232 -11.21 -3.18 3.31
N ALA A 233 -10.18 -2.69 2.61
CA ALA A 233 -10.27 -2.32 1.20
C ALA A 233 -9.28 -3.02 0.30
N PRO A 234 -9.54 -3.03 -1.01
CA PRO A 234 -8.67 -3.71 -1.97
C PRO A 234 -7.19 -3.47 -1.76
N LEU A 235 -6.42 -4.55 -1.78
CA LEU A 235 -4.98 -4.45 -1.57
C LEU A 235 -4.24 -4.33 -2.89
N LEU A 236 -2.92 -4.33 -2.89
CA LEU A 236 -2.13 -4.10 -4.08
C LEU A 236 -2.52 -4.93 -5.30
N ASP A 237 -2.59 -6.25 -5.15
CA ASP A 237 -2.92 -7.10 -6.28
C ASP A 237 -4.40 -7.05 -6.64
N ASP A 238 -5.29 -6.70 -5.70
CA ASP A 238 -6.70 -6.57 -5.98
C ASP A 238 -6.90 -5.35 -6.89
N ILE A 239 -6.10 -4.31 -6.64
CA ILE A 239 -6.21 -3.10 -7.47
C ILE A 239 -5.83 -3.44 -8.90
N ALA A 240 -4.72 -4.17 -9.06
CA ALA A 240 -4.31 -4.54 -10.40
C ALA A 240 -5.39 -5.36 -11.09
N ALA A 241 -6.03 -6.24 -10.34
CA ALA A 241 -7.08 -7.08 -10.92
C ALA A 241 -8.28 -6.28 -11.37
N ILE A 242 -8.83 -5.50 -10.44
CA ILE A 242 -10.03 -4.75 -10.78
C ILE A 242 -9.78 -3.70 -11.85
N GLN A 243 -8.59 -3.10 -11.89
CA GLN A 243 -8.34 -2.09 -12.93
C GLN A 243 -8.20 -2.80 -14.27
N HIS A 244 -7.74 -4.07 -14.24
CA HIS A 244 -7.66 -4.80 -15.50
C HIS A 244 -9.08 -4.98 -16.05
N LEU A 245 -10.04 -5.29 -15.18
CA LEU A 245 -11.41 -5.50 -15.63
C LEU A 245 -12.14 -4.24 -16.05
N TYR A 246 -12.10 -3.21 -15.23
CA TYR A 246 -12.85 -2.00 -15.54
C TYR A 246 -12.03 -0.73 -15.71
N GLY A 247 -10.71 -0.80 -15.82
CA GLY A 247 -9.94 0.43 -16.02
C GLY A 247 -9.67 1.17 -14.72
N ALA A 248 -8.59 1.94 -14.69
CA ALA A 248 -8.17 2.72 -13.53
C ALA A 248 -9.00 3.99 -13.37
N ASN A 249 -9.41 4.29 -12.14
CA ASN A 249 -10.21 5.49 -11.93
C ASN A 249 -9.30 6.71 -11.79
N LEU A 250 -9.23 7.50 -12.87
CA LEU A 250 -8.38 8.66 -12.92
C LEU A 250 -8.95 9.89 -12.23
N SER A 251 -10.12 9.80 -11.63
CA SER A 251 -10.64 11.00 -10.96
C SER A 251 -10.59 10.91 -9.45
N THR A 252 -9.98 9.86 -8.90
CA THR A 252 -9.94 9.71 -7.45
C THR A 252 -8.84 10.51 -6.76
N ARG A 253 -9.21 11.30 -5.77
CA ARG A 253 -8.30 12.11 -4.97
C ARG A 253 -7.26 12.81 -5.81
N THR A 254 -7.69 13.54 -6.85
CA THR A 254 -6.72 14.24 -7.68
C THR A 254 -6.17 15.49 -7.01
N GLY A 255 -6.69 15.89 -5.87
CA GLY A 255 -6.17 17.08 -5.19
C GLY A 255 -5.02 16.69 -4.26
N ASP A 256 -4.54 17.60 -3.43
CA ASP A 256 -3.44 17.30 -2.51
C ASP A 256 -4.01 16.45 -1.37
N THR A 257 -3.60 15.20 -1.30
CA THR A 257 -4.17 14.29 -0.30
C THR A 257 -3.25 13.91 0.84
N VAL A 258 -3.80 13.81 2.03
CA VAL A 258 -3.03 13.40 3.20
C VAL A 258 -3.61 12.06 3.68
N TYR A 259 -2.74 11.07 3.77
CA TYR A 259 -3.10 9.71 4.20
C TYR A 259 -2.59 9.50 5.62
N GLY A 260 -3.34 8.80 6.47
CA GLY A 260 -2.84 8.56 7.81
C GLY A 260 -3.43 9.54 8.81
N PHE A 261 -2.55 10.19 9.57
CA PHE A 261 -3.01 11.18 10.54
C PHE A 261 -3.39 12.45 9.78
N ASN A 262 -4.28 13.26 10.34
CA ASN A 262 -4.70 14.51 9.73
C ASN A 262 -5.17 14.29 8.29
N SER A 263 -5.76 13.13 8.01
CA SER A 263 -6.18 12.79 6.68
C SER A 263 -7.36 13.60 6.17
N ASN A 264 -7.36 13.86 4.86
CA ASN A 264 -8.50 14.56 4.27
C ASN A 264 -9.12 13.62 3.25
N THR A 265 -8.87 12.32 3.40
CA THR A 265 -9.40 11.38 2.42
C THR A 265 -10.90 11.10 2.57
N GLY A 266 -11.42 11.22 3.79
CA GLY A 266 -12.83 10.90 4.02
C GLY A 266 -13.06 9.39 3.88
N ARG A 267 -12.03 8.60 4.16
CA ARG A 267 -12.10 7.15 4.08
C ARG A 267 -11.62 6.56 5.41
N ASP A 268 -12.46 5.78 6.08
CA ASP A 268 -12.01 5.24 7.37
C ASP A 268 -10.73 4.44 7.28
N PHE A 269 -10.55 3.66 6.21
CA PHE A 269 -9.36 2.82 6.11
C PHE A 269 -8.11 3.56 5.66
N LEU A 270 -8.22 4.85 5.36
CA LEU A 270 -7.00 5.58 4.95
C LEU A 270 -6.63 6.60 6.03
N SER A 271 -7.40 6.58 7.12
CA SER A 271 -7.20 7.53 8.20
C SER A 271 -7.05 6.92 9.59
N THR A 272 -6.41 7.70 10.45
CA THR A 272 -6.23 7.32 11.85
C THR A 272 -6.20 8.59 12.69
N THR A 273 -6.65 8.48 13.94
CA THR A 273 -6.63 9.61 14.84
C THR A 273 -5.87 9.27 16.12
N SER A 274 -5.26 8.08 16.22
CA SER A 274 -4.51 7.75 17.42
C SER A 274 -3.49 6.65 17.18
N ASN A 275 -2.49 6.58 18.04
CA ASN A 275 -1.45 5.56 17.93
C ASN A 275 -1.99 4.14 17.98
N SER A 276 -3.10 3.94 18.68
CA SER A 276 -3.72 2.64 18.84
C SER A 276 -4.51 2.19 17.62
N GLN A 277 -4.93 3.14 16.79
CA GLN A 277 -5.72 2.82 15.59
C GLN A 277 -4.73 2.58 14.45
N LYS A 278 -4.63 1.33 14.03
CA LYS A 278 -3.69 0.95 12.98
C LYS A 278 -4.29 1.04 11.60
N VAL A 279 -3.45 1.38 10.62
CA VAL A 279 -3.96 1.48 9.25
C VAL A 279 -3.39 0.31 8.44
N ILE A 280 -4.17 -0.14 7.46
CA ILE A 280 -3.74 -1.19 6.54
C ILE A 280 -4.35 -0.79 5.20
N PHE A 281 -3.51 -0.45 4.22
CA PHE A 281 -4.13 -0.03 2.96
C PHE A 281 -3.14 -0.09 1.81
N ALA A 282 -3.67 -0.04 0.59
CA ALA A 282 -2.87 0.05 -0.62
C ALA A 282 -3.34 1.38 -1.22
N ALA A 283 -2.44 2.34 -1.39
CA ALA A 283 -2.94 3.64 -1.86
C ALA A 283 -3.11 3.82 -3.35
N TRP A 284 -4.28 4.28 -3.75
CA TRP A 284 -4.57 4.60 -5.14
C TRP A 284 -4.83 6.12 -5.16
N ASP A 285 -4.09 6.88 -5.96
CA ASP A 285 -4.28 8.34 -5.95
C ASP A 285 -4.00 8.84 -7.36
N ALA A 286 -4.92 9.61 -7.94
CA ALA A 286 -4.72 9.99 -9.33
C ALA A 286 -4.09 11.34 -9.59
N GLY A 287 -3.65 12.09 -8.59
CA GLY A 287 -3.00 13.37 -8.87
C GLY A 287 -2.77 14.19 -7.63
N GLY A 288 -2.03 15.31 -7.78
CA GLY A 288 -1.79 16.21 -6.67
C GLY A 288 -0.52 15.95 -5.89
N ASN A 289 -0.32 16.82 -4.90
CA ASN A 289 0.86 16.73 -4.02
C ASN A 289 0.37 16.06 -2.74
N ASP A 290 0.76 14.80 -2.58
CA ASP A 290 0.31 13.94 -1.49
C ASP A 290 1.36 13.59 -0.44
N THR A 291 0.81 13.33 0.75
CA THR A 291 1.64 13.04 1.91
C THR A 291 1.19 11.82 2.71
N PHE A 292 2.17 11.03 3.12
CA PHE A 292 1.88 9.90 4.03
C PHE A 292 2.24 10.49 5.40
N ASP A 293 1.24 10.82 6.21
CA ASP A 293 1.53 11.40 7.53
C ASP A 293 1.37 10.32 8.60
N PHE A 294 2.49 9.79 9.08
CA PHE A 294 2.41 8.76 10.13
C PHE A 294 3.06 9.30 11.39
N SER A 295 2.87 10.61 11.58
CA SER A 295 3.47 11.31 12.71
C SER A 295 3.01 10.88 14.08
N GLY A 296 1.78 10.41 14.26
CA GLY A 296 1.27 10.03 15.57
C GLY A 296 1.66 8.66 16.03
N TYR A 297 2.45 7.89 15.28
CA TYR A 297 2.82 6.55 15.74
C TYR A 297 4.14 6.60 16.49
N THR A 298 4.28 5.77 17.52
CA THR A 298 5.50 5.74 18.31
C THR A 298 6.42 4.60 17.92
N ALA A 299 5.94 3.64 17.13
CA ALA A 299 6.83 2.54 16.78
C ALA A 299 7.89 2.91 15.75
N ASN A 300 8.92 2.07 15.62
CA ASN A 300 9.89 2.33 14.56
C ASN A 300 9.19 2.06 13.22
N GLN A 301 9.29 2.94 12.24
CA GLN A 301 8.59 2.70 10.98
C GLN A 301 9.58 2.70 9.83
N ARG A 302 9.14 2.13 8.71
CA ARG A 302 9.90 2.07 7.47
C ARG A 302 8.93 2.48 6.35
N ILE A 303 9.17 3.67 5.79
CA ILE A 303 8.25 4.20 4.79
C ILE A 303 8.91 4.33 3.43
N ASN A 304 8.34 3.65 2.44
CA ASN A 304 8.94 3.68 1.10
C ASN A 304 7.96 4.37 0.16
N LEU A 305 8.34 5.47 -0.49
CA LEU A 305 7.39 6.16 -1.37
C LEU A 305 7.45 5.68 -2.80
N ASN A 306 8.14 4.57 -3.04
CA ASN A 306 8.18 4.10 -4.44
C ASN A 306 6.92 3.32 -4.79
N GLU A 307 6.50 3.38 -6.07
CA GLU A 307 5.30 2.64 -6.45
C GLU A 307 5.50 1.13 -6.31
N LYS A 308 4.42 0.44 -5.98
CA LYS A 308 4.40 -1.01 -5.79
C LYS A 308 5.22 -1.46 -4.59
N SER A 309 5.68 -0.53 -3.75
CA SER A 309 6.50 -0.97 -2.61
C SER A 309 5.75 -0.99 -1.30
N PHE A 310 6.29 -1.75 -0.34
CA PHE A 310 5.67 -1.88 0.97
C PHE A 310 6.38 -1.10 2.06
N SER A 311 5.60 -0.66 3.05
CA SER A 311 6.11 0.07 4.21
C SER A 311 5.71 -0.65 5.50
N ASP A 312 6.41 -0.41 6.58
CA ASP A 312 6.12 -0.95 7.91
C ASP A 312 5.64 0.26 8.73
N VAL A 313 4.33 0.36 8.93
CA VAL A 313 3.73 1.51 9.59
C VAL A 313 2.94 1.18 10.84
N GLY A 314 3.08 2.05 11.85
CA GLY A 314 2.33 1.91 13.08
C GLY A 314 2.56 0.67 13.89
N GLY A 315 3.69 -0.02 13.76
CA GLY A 315 3.87 -1.20 14.60
C GLY A 315 3.53 -2.46 13.84
N LEU A 316 3.02 -2.30 12.62
CA LEU A 316 2.70 -3.45 11.79
C LEU A 316 3.82 -3.66 10.78
N LYS A 317 3.78 -4.77 10.04
CA LYS A 317 4.82 -5.02 9.03
C LYS A 317 4.17 -5.26 7.66
N GLY A 318 4.62 -4.51 6.66
CA GLY A 318 4.18 -4.58 5.29
C GLY A 318 2.69 -4.39 5.13
N ASN A 319 2.16 -3.46 5.91
CA ASN A 319 0.75 -3.16 5.94
C ASN A 319 0.35 -1.98 5.08
N VAL A 320 1.32 -1.25 4.54
CA VAL A 320 0.99 -0.09 3.71
C VAL A 320 1.73 -0.24 2.39
N SER A 321 1.05 0.04 1.28
CA SER A 321 1.70 -0.07 -0.02
C SER A 321 1.11 1.00 -0.95
N ILE A 322 1.79 1.16 -2.07
CA ILE A 322 1.40 2.13 -3.09
C ILE A 322 1.16 1.42 -4.42
N ALA A 323 -0.01 1.66 -5.01
CA ALA A 323 -0.37 1.00 -6.27
C ALA A 323 0.53 1.37 -7.43
N ALA A 324 0.55 0.53 -8.46
CA ALA A 324 1.36 0.81 -9.65
C ALA A 324 0.88 2.12 -10.27
N GLY A 325 1.80 2.95 -10.75
CA GLY A 325 1.49 4.21 -11.40
C GLY A 325 1.11 5.36 -10.51
N VAL A 326 1.26 5.20 -9.20
CA VAL A 326 0.87 6.29 -8.30
C VAL A 326 2.10 7.00 -7.77
N THR A 327 2.07 8.32 -7.67
CA THR A 327 3.23 9.02 -7.11
C THR A 327 2.81 9.72 -5.82
N ILE A 328 3.40 9.30 -4.71
CA ILE A 328 3.15 9.91 -3.41
C ILE A 328 4.40 10.78 -3.12
N GLU A 329 4.23 12.06 -2.85
CA GLU A 329 5.38 12.94 -2.73
C GLU A 329 6.02 13.13 -1.39
N ASN A 330 5.26 13.21 -0.29
CA ASN A 330 5.88 13.51 0.99
C ASN A 330 5.63 12.47 2.06
N ALA A 331 6.47 12.48 3.09
CA ALA A 331 6.26 11.52 4.17
C ALA A 331 6.74 12.10 5.50
N ILE A 332 5.95 11.80 6.53
CA ILE A 332 6.32 12.26 7.86
C ILE A 332 6.36 11.06 8.82
N GLY A 333 7.53 10.84 9.40
CA GLY A 333 7.77 9.75 10.32
C GLY A 333 7.19 10.06 11.68
N GLY A 334 7.29 9.11 12.61
CA GLY A 334 6.74 9.31 13.94
C GLY A 334 7.84 9.47 14.97
N SER A 335 7.53 9.26 16.25
CA SER A 335 8.58 9.45 17.25
C SER A 335 9.52 8.27 17.35
N GLY A 336 9.32 7.22 16.54
CA GLY A 336 10.27 6.12 16.61
C GLY A 336 11.46 6.38 15.70
N ASN A 337 12.36 5.42 15.62
CA ASN A 337 13.55 5.48 14.77
C ASN A 337 13.12 4.95 13.40
N ASP A 338 12.92 5.86 12.45
CA ASP A 338 12.40 5.47 11.16
C ASP A 338 13.39 5.48 10.00
N VAL A 339 12.98 4.76 8.96
CA VAL A 339 13.74 4.69 7.72
C VAL A 339 12.79 5.27 6.67
N ILE A 340 13.14 6.37 6.03
CA ILE A 340 12.22 6.97 5.06
C ILE A 340 12.90 7.13 3.71
N VAL A 341 12.33 6.46 2.70
CA VAL A 341 12.90 6.41 1.36
C VAL A 341 11.98 7.10 0.37
N GLY A 342 12.50 8.12 -0.29
CA GLY A 342 11.69 8.88 -1.24
C GLY A 342 11.77 8.26 -2.62
N ASN A 343 11.31 9.00 -3.63
CA ASN A 343 11.32 8.50 -5.00
C ASN A 343 11.95 9.55 -5.92
N ALA A 344 11.83 9.38 -7.23
CA ALA A 344 12.45 10.30 -8.18
C ALA A 344 11.81 11.68 -8.21
N ALA A 345 10.65 11.87 -7.62
CA ALA A 345 10.03 13.20 -7.62
C ALA A 345 10.63 14.04 -6.48
N ASN A 346 10.28 15.33 -6.43
CA ASN A 346 10.75 16.17 -5.31
C ASN A 346 9.94 15.74 -4.07
N ASN A 347 10.62 15.33 -3.01
CA ASN A 347 9.90 14.92 -1.83
C ASN A 347 10.25 15.79 -0.61
N VAL A 348 9.27 15.90 0.27
CA VAL A 348 9.48 16.56 1.55
C VAL A 348 9.47 15.38 2.57
N LEU A 349 10.63 15.08 3.16
CA LEU A 349 10.71 13.96 4.11
C LEU A 349 11.04 14.48 5.51
N LYS A 350 10.22 14.13 6.50
CA LYS A 350 10.44 14.56 7.87
C LYS A 350 10.54 13.36 8.81
N GLY A 351 11.64 13.22 9.52
CA GLY A 351 11.81 12.07 10.40
C GLY A 351 11.10 12.14 11.72
N GLY A 352 10.85 13.36 12.21
CA GLY A 352 10.22 13.52 13.52
C GLY A 352 11.23 13.15 14.60
N ALA A 353 10.77 12.95 15.84
CA ALA A 353 11.73 12.58 16.88
C ALA A 353 12.30 11.21 16.56
N GLY A 354 13.28 10.78 17.34
CA GLY A 354 13.94 9.50 17.17
C GLY A 354 15.09 9.63 16.18
N ASN A 355 15.88 8.57 16.06
CA ASN A 355 17.03 8.49 15.20
C ASN A 355 16.63 7.92 13.86
N ASP A 356 16.45 8.81 12.90
CA ASP A 356 15.97 8.42 11.58
C ASP A 356 17.04 8.37 10.50
N VAL A 357 16.68 7.68 9.43
CA VAL A 357 17.50 7.53 8.23
C VAL A 357 16.65 8.03 7.06
N LEU A 358 17.12 9.07 6.39
CA LEU A 358 16.37 9.65 5.29
C LEU A 358 17.15 9.55 3.99
N PHE A 359 16.42 9.14 2.95
CA PHE A 359 17.00 8.97 1.62
C PHE A 359 16.07 9.61 0.60
N GLY A 360 16.53 10.71 0.01
CA GLY A 360 15.67 11.42 -0.94
C GLY A 360 15.60 10.85 -2.33
N GLY A 361 16.64 10.17 -2.80
CA GLY A 361 16.54 9.68 -4.17
C GLY A 361 16.66 10.88 -5.12
N GLY A 362 16.15 10.73 -6.33
CA GLY A 362 16.21 11.75 -7.36
C GLY A 362 15.37 12.96 -7.08
N GLY A 363 15.45 13.97 -7.95
CA GLY A 363 14.67 15.18 -7.76
C GLY A 363 15.26 16.09 -6.70
N ALA A 364 14.63 17.25 -6.47
CA ALA A 364 15.06 18.22 -5.47
C ALA A 364 14.24 17.99 -4.20
N ASP A 365 14.87 17.34 -3.23
CA ASP A 365 14.18 17.00 -2.00
C ASP A 365 14.49 17.97 -0.86
N GLU A 366 13.54 18.00 0.07
CA GLU A 366 13.72 18.84 1.27
C GLU A 366 13.69 17.88 2.45
N LEU A 367 14.80 17.78 3.16
CA LEU A 367 14.93 16.83 4.26
C LEU A 367 15.02 17.47 5.63
N TRP A 368 14.19 16.95 6.53
CA TRP A 368 14.20 17.44 7.91
C TRP A 368 14.46 16.25 8.83
N GLY A 369 15.56 16.25 9.57
CA GLY A 369 15.77 15.11 10.45
C GLY A 369 14.86 15.19 11.67
N GLY A 370 14.59 16.42 12.12
CA GLY A 370 13.79 16.60 13.33
C GLY A 370 14.68 16.35 14.54
N ALA A 371 14.12 16.12 15.71
CA ALA A 371 15.00 15.82 16.85
C ALA A 371 15.66 14.46 16.66
N GLY A 372 16.66 14.18 17.49
CA GLY A 372 17.38 12.93 17.46
C GLY A 372 18.61 12.98 16.59
N LYS A 373 19.30 11.84 16.48
CA LYS A 373 20.52 11.70 15.71
C LYS A 373 20.13 11.11 14.36
N ASP A 374 19.99 11.98 13.36
CA ASP A 374 19.56 11.55 12.05
C ASP A 374 20.68 11.40 11.04
N ILE A 375 20.39 10.58 10.03
CA ILE A 375 21.39 10.33 9.00
C ILE A 375 20.77 10.56 7.63
N PHE A 376 21.41 11.37 6.80
CA PHE A 376 20.94 11.70 5.44
C PHE A 376 21.83 10.94 4.46
N VAL A 377 21.19 10.05 3.69
CA VAL A 377 21.92 9.17 2.79
C VAL A 377 21.85 9.55 1.33
N PHE A 378 22.98 9.43 0.66
CA PHE A 378 23.08 9.71 -0.76
C PHE A 378 23.85 8.59 -1.45
N SER A 379 23.42 8.24 -2.66
CA SER A 379 24.10 7.17 -3.37
C SER A 379 24.26 7.42 -4.86
N ALA A 380 23.96 8.62 -5.34
CA ALA A 380 24.18 8.91 -6.75
C ALA A 380 24.32 10.41 -6.94
N ALA A 381 25.07 10.82 -7.95
CA ALA A 381 25.22 12.26 -8.20
C ALA A 381 23.85 12.85 -8.47
N SER A 382 22.99 12.12 -9.18
CA SER A 382 21.65 12.63 -9.51
C SER A 382 20.73 12.76 -8.32
N ASP A 383 21.17 12.30 -7.13
CA ASP A 383 20.30 12.47 -5.97
C ASP A 383 20.22 13.97 -5.66
N SER A 384 21.28 14.70 -5.99
CA SER A 384 21.25 16.14 -5.65
C SER A 384 22.12 16.88 -6.68
N ALA A 385 21.55 16.97 -7.87
CA ALA A 385 22.27 17.61 -8.97
C ALA A 385 22.28 19.14 -8.82
N PRO A 386 23.37 19.78 -9.21
CA PRO A 386 23.41 21.25 -9.13
C PRO A 386 22.25 21.76 -9.97
N GLY A 387 21.51 22.77 -9.54
CA GLY A 387 20.37 23.13 -10.41
C GLY A 387 19.11 22.49 -9.84
N ALA A 388 19.28 21.42 -9.07
CA ALA A 388 18.07 20.79 -8.49
C ALA A 388 18.50 20.16 -7.17
N SER A 389 19.21 20.96 -6.37
CA SER A 389 19.77 20.45 -5.13
C SER A 389 18.78 20.10 -4.04
N ASP A 390 19.16 19.10 -3.23
CA ASP A 390 18.37 18.74 -2.08
C ASP A 390 18.74 19.81 -1.02
N TRP A 391 17.85 20.01 -0.09
CA TRP A 391 18.12 20.88 1.05
C TRP A 391 17.94 20.06 2.33
N ILE A 392 18.92 20.18 3.22
CA ILE A 392 18.81 19.56 4.55
C ILE A 392 18.52 20.77 5.45
N ARG A 393 17.29 20.87 5.94
CA ARG A 393 16.89 22.06 6.67
C ARG A 393 17.19 22.16 8.13
N ASP A 394 17.65 21.14 8.84
CA ASP A 394 17.82 21.29 10.29
C ASP A 394 18.99 20.49 10.84
N PHE A 395 20.08 20.51 10.06
CA PHE A 395 21.26 19.74 10.45
C PHE A 395 21.91 20.27 11.72
N GLN A 396 22.27 19.37 12.62
CA GLN A 396 22.94 19.73 13.87
C GLN A 396 24.32 19.11 13.90
N LYS A 397 25.35 19.96 13.80
CA LYS A 397 26.72 19.45 13.80
C LYS A 397 27.00 18.67 15.07
N GLY A 398 27.78 17.61 14.92
CA GLY A 398 28.14 16.71 16.00
C GLY A 398 26.99 15.81 16.41
N ILE A 399 25.81 15.94 15.80
CA ILE A 399 24.69 15.08 16.18
C ILE A 399 24.18 14.29 14.99
N ASP A 400 23.83 14.99 13.92
CA ASP A 400 23.38 14.35 12.68
C ASP A 400 24.54 13.92 11.81
N LYS A 401 24.27 13.14 10.76
CA LYS A 401 25.34 12.68 9.89
C LYS A 401 24.90 12.62 8.42
N ILE A 402 25.89 12.76 7.56
CA ILE A 402 25.74 12.67 6.11
C ILE A 402 26.44 11.39 5.67
N ASP A 403 25.66 10.48 5.09
CA ASP A 403 26.20 9.17 4.72
C ASP A 403 26.50 9.08 3.24
N LEU A 404 27.78 9.04 2.91
CA LEU A 404 28.22 8.93 1.53
C LEU A 404 28.94 7.59 1.33
N SER A 405 28.78 6.70 2.30
CA SER A 405 29.46 5.41 2.30
C SER A 405 29.24 4.58 1.06
N PHE A 406 28.16 4.76 0.32
CA PHE A 406 27.95 3.96 -0.88
C PHE A 406 29.12 4.08 -1.84
N PHE A 407 29.61 5.32 -2.02
CA PHE A 407 30.67 5.53 -2.99
C PHE A 407 31.95 4.76 -2.78
N ASP A 408 32.57 4.84 -1.61
CA ASP A 408 33.84 4.12 -1.42
C ASP A 408 33.61 2.62 -1.44
N LYS A 409 32.42 2.21 -0.99
CA LYS A 409 32.14 0.79 -1.00
C LYS A 409 32.16 0.27 -2.44
N GLU A 410 31.43 0.97 -3.29
CA GLU A 410 31.35 0.60 -4.71
C GLU A 410 32.73 0.64 -5.37
N ALA A 411 33.51 1.67 -5.02
CA ALA A 411 34.82 1.77 -5.62
C ALA A 411 35.79 0.82 -4.93
N ASN A 412 35.37 0.28 -3.79
CA ASN A 412 36.23 -0.62 -3.02
C ASN A 412 37.55 0.07 -2.76
N SER A 413 37.44 1.36 -2.39
CA SER A 413 38.67 2.10 -2.12
C SER A 413 38.39 3.17 -1.06
N SER A 414 39.24 3.22 -0.04
CA SER A 414 39.09 4.14 1.07
C SER A 414 39.40 5.60 0.71
N SER A 415 40.03 5.82 -0.42
CA SER A 415 40.43 7.15 -0.83
C SER A 415 39.63 7.74 -1.98
N PHE A 416 38.60 7.07 -2.49
CA PHE A 416 37.88 7.69 -3.61
C PHE A 416 37.27 9.01 -3.16
N ILE A 417 36.28 8.92 -2.28
CA ILE A 417 35.68 10.16 -1.74
C ILE A 417 36.70 10.71 -0.74
N HIS A 418 37.14 11.95 -0.90
CA HIS A 418 38.11 12.46 0.08
C HIS A 418 37.97 13.98 0.11
N PHE A 419 38.07 14.59 1.29
CA PHE A 419 37.90 16.04 1.37
C PHE A 419 39.16 16.81 1.00
N VAL A 420 38.96 17.91 0.26
CA VAL A 420 40.02 18.79 -0.20
C VAL A 420 39.65 20.25 0.07
N ASP A 421 40.59 21.18 -0.12
CA ASP A 421 40.24 22.58 0.14
C ASP A 421 40.00 23.32 -1.17
N HIS A 422 40.25 22.65 -2.28
CA HIS A 422 40.03 23.28 -3.58
C HIS A 422 39.94 22.21 -4.66
N PHE A 423 39.01 22.36 -5.59
CA PHE A 423 38.88 21.34 -6.63
C PHE A 423 40.13 21.34 -7.50
N SER A 424 40.39 20.20 -8.13
CA SER A 424 41.52 19.97 -9.01
C SER A 424 41.05 19.23 -10.26
N GLY A 425 39.80 18.79 -10.23
CA GLY A 425 39.26 18.07 -11.38
C GLY A 425 39.30 16.57 -11.14
N THR A 426 39.94 16.16 -10.06
CA THR A 426 40.05 14.75 -9.70
C THR A 426 38.72 14.18 -9.23
N ALA A 427 38.29 13.03 -9.78
CA ALA A 427 37.03 12.49 -9.32
C ALA A 427 37.11 12.12 -7.83
N GLY A 428 36.01 12.21 -7.11
CA GLY A 428 36.02 11.85 -5.71
C GLY A 428 36.25 13.01 -4.77
N GLU A 429 36.75 14.14 -5.29
CA GLU A 429 36.97 15.28 -4.39
C GLU A 429 35.66 15.84 -3.86
N ALA A 430 35.61 16.10 -2.55
CA ALA A 430 34.49 16.65 -1.85
C ALA A 430 34.90 17.98 -1.19
N LEU A 431 34.06 19.00 -1.31
CA LEU A 431 34.41 20.29 -0.72
C LEU A 431 33.26 20.87 0.08
N LEU A 432 33.57 21.38 1.27
CA LEU A 432 32.55 22.00 2.12
C LEU A 432 32.76 23.51 2.12
N SER A 433 31.73 24.30 1.87
CA SER A 433 31.81 25.75 1.90
C SER A 433 30.78 26.28 2.89
N TYR A 434 31.26 26.86 3.97
CA TYR A 434 30.40 27.38 5.03
C TYR A 434 30.22 28.89 4.95
N ASN A 435 28.98 29.35 4.97
CA ASN A 435 28.64 30.78 4.94
C ASN A 435 28.04 31.13 6.30
N ALA A 436 28.88 31.70 7.17
CA ALA A 436 28.50 32.06 8.52
C ALA A 436 27.44 33.13 8.58
N SER A 437 27.34 33.96 7.54
CA SER A 437 26.30 35.00 7.57
C SER A 437 24.93 34.44 7.24
N SER A 438 24.87 33.49 6.31
CA SER A 438 23.58 32.92 5.92
C SER A 438 23.23 31.64 6.68
N ASN A 439 24.20 31.08 7.40
CA ASN A 439 23.98 29.84 8.15
C ASN A 439 23.73 28.70 7.16
N VAL A 440 24.46 28.75 6.05
CA VAL A 440 24.29 27.68 5.07
C VAL A 440 25.64 27.07 4.71
N THR A 441 25.67 25.74 4.64
CA THR A 441 26.88 25.03 4.27
C THR A 441 26.62 24.32 2.94
N ASP A 442 27.55 24.47 2.01
CA ASP A 442 27.43 23.82 0.71
C ASP A 442 28.35 22.59 0.73
N LEU A 443 27.82 21.46 0.30
CA LEU A 443 28.63 20.25 0.20
C LEU A 443 28.67 19.91 -1.29
N SER A 444 29.84 20.06 -1.89
CA SER A 444 30.04 19.79 -3.30
C SER A 444 30.91 18.56 -3.50
N VAL A 445 30.54 17.70 -4.44
CA VAL A 445 31.34 16.51 -4.70
C VAL A 445 31.45 16.32 -6.21
N ASN A 446 32.62 15.93 -6.66
CA ASN A 446 32.87 15.69 -8.09
C ASN A 446 32.92 14.17 -8.26
N ILE A 447 31.76 13.58 -8.43
CA ILE A 447 31.71 12.12 -8.55
C ILE A 447 32.20 11.62 -9.90
N GLY A 448 31.69 12.14 -11.00
CA GLY A 448 32.08 11.73 -12.33
C GLY A 448 33.45 12.14 -12.80
N GLY A 449 34.09 13.11 -12.15
CA GLY A 449 35.41 13.50 -12.63
C GLY A 449 35.28 14.46 -13.81
N HIS A 450 34.29 15.36 -13.69
CA HIS A 450 34.00 16.35 -14.72
C HIS A 450 34.74 17.65 -14.40
N GLN A 451 34.52 18.65 -15.24
CA GLN A 451 35.16 19.95 -15.04
C GLN A 451 34.59 20.65 -13.81
N ALA A 452 33.32 20.38 -13.53
CA ALA A 452 32.63 20.98 -12.38
C ALA A 452 32.03 19.89 -11.52
N PRO A 453 31.75 20.17 -10.26
CA PRO A 453 31.15 19.14 -9.40
C PRO A 453 29.81 18.70 -9.97
N ASP A 454 29.41 17.44 -9.79
CA ASP A 454 28.14 17.01 -10.33
C ASP A 454 27.14 16.68 -9.23
N PHE A 455 27.48 17.05 -8.01
CA PHE A 455 26.66 16.79 -6.84
C PHE A 455 26.81 17.94 -5.87
N LEU A 456 25.68 18.50 -5.46
CA LEU A 456 25.72 19.65 -4.55
C LEU A 456 24.52 19.57 -3.60
N VAL A 457 24.81 19.55 -2.31
CA VAL A 457 23.75 19.53 -1.34
C VAL A 457 23.83 20.83 -0.55
N LYS A 458 22.68 21.42 -0.26
CA LYS A 458 22.63 22.65 0.53
C LYS A 458 22.17 22.28 1.94
N ILE A 459 22.95 22.71 2.92
CA ILE A 459 22.61 22.39 4.30
C ILE A 459 22.41 23.63 5.16
N VAL A 460 21.29 23.67 5.86
CA VAL A 460 21.04 24.77 6.79
C VAL A 460 21.76 24.36 8.08
N GLY A 461 22.80 25.11 8.44
CA GLY A 461 23.54 24.78 9.64
C GLY A 461 25.00 24.53 9.34
N GLN A 462 25.80 24.43 10.38
CA GLN A 462 27.22 24.18 10.25
C GLN A 462 27.45 22.68 10.22
N VAL A 463 28.50 22.26 9.53
CA VAL A 463 28.83 20.84 9.41
C VAL A 463 30.29 20.64 9.81
N ASP A 464 30.60 19.66 10.66
CA ASP A 464 31.98 19.43 11.05
C ASP A 464 32.51 18.18 10.34
N VAL A 465 33.39 18.43 9.38
CA VAL A 465 33.98 17.34 8.62
C VAL A 465 34.61 16.27 9.48
N ALA A 466 35.08 16.59 10.69
CA ALA A 466 35.70 15.53 11.47
C ALA A 466 34.71 14.60 12.14
N THR A 467 33.46 15.00 12.35
CA THR A 467 32.59 14.08 13.06
C THR A 467 31.28 13.80 12.31
N ASP A 468 30.94 14.60 11.31
CA ASP A 468 29.62 14.42 10.73
C ASP A 468 29.46 13.60 9.49
N PHE A 469 30.47 12.86 9.06
CA PHE A 469 30.22 12.10 7.83
C PHE A 469 30.45 10.60 8.05
N ILE A 470 29.84 9.83 7.15
CA ILE A 470 30.04 8.39 7.12
C ILE A 470 30.55 8.13 5.70
N VAL A 471 31.82 7.75 5.57
CA VAL A 471 32.41 7.57 4.25
C VAL A 471 33.00 6.18 4.04
ZN ZN B . -14.14 -16.11 -1.77
CA CA C . -4.00 13.22 -4.50
CA CA D . 0.91 12.69 -6.17
CA CA E . 11.18 9.38 13.72
CA CA F . 13.18 12.43 -4.37
CA CA G . 14.81 12.48 13.96
CA CA H . 18.26 15.42 14.03
CA CA I . 17.08 14.30 -4.36
N 0Z9 J . -19.15 -19.22 -5.26
CA 0Z9 J . -17.81 -19.18 -4.70
C 0Z9 J . -17.79 -18.75 -3.23
O 0Z9 J . -18.34 -17.69 -2.91
CB 0Z9 J . -16.95 -18.16 -5.48
CG 0Z9 J . -15.90 -18.72 -6.43
CD1 0Z9 J . -15.29 -17.60 -7.25
CD2 0Z9 J . -14.82 -19.48 -5.65
N1 0Z9 J . -17.12 -19.50 -2.37
CA1 0Z9 J . -17.03 -19.10 -0.97
CB1 0Z9 J . -16.58 -20.27 -0.11
C1 0Z9 J . -16.06 -17.93 -0.88
O1 0Z9 J . -14.88 -17.96 -1.23
N2 0Z9 J . -16.59 -16.80 -0.42
OH 0Z9 J . -15.68 -15.73 -0.36
#